data_2L9G
#
_entry.id   2L9G
#
_entity_poly.entity_id   1
_entity_poly.type   'polypeptide(L)'
_entity_poly.pdbx_seq_one_letter_code
;RMLLTPLAKIIAHIREIAG
;
_entity_poly.pdbx_strand_id   A
#
# COMPACT_ATOMS: atom_id res chain seq x y z
N ARG A 1 13.42 4.29 -5.66
CA ARG A 1 12.50 4.53 -4.57
C ARG A 1 11.11 4.88 -5.10
N MET A 2 10.95 4.84 -6.41
CA MET A 2 9.67 5.15 -7.05
C MET A 2 8.78 3.92 -7.07
N LEU A 3 9.30 2.80 -6.60
CA LEU A 3 8.54 1.56 -6.57
C LEU A 3 8.08 1.23 -5.15
N LEU A 4 8.72 1.83 -4.16
CA LEU A 4 8.38 1.60 -2.77
C LEU A 4 7.55 2.76 -2.22
N THR A 5 7.63 3.91 -2.88
CA THR A 5 6.88 5.09 -2.47
C THR A 5 5.39 4.91 -2.72
N PRO A 6 5.02 4.64 -3.97
CA PRO A 6 3.62 4.44 -4.36
C PRO A 6 3.05 3.15 -3.80
N LEU A 7 3.91 2.16 -3.60
CA LEU A 7 3.48 0.87 -3.07
C LEU A 7 3.40 0.90 -1.55
N ALA A 8 4.14 1.82 -0.94
CA ALA A 8 4.14 1.96 0.51
C ALA A 8 2.73 2.08 1.05
N LYS A 9 1.83 2.64 0.25
CA LYS A 9 0.44 2.82 0.64
C LYS A 9 -0.33 1.51 0.52
N ILE A 10 -0.44 1.00 -0.71
CA ILE A 10 -1.15 -0.25 -0.95
C ILE A 10 -0.65 -1.36 -0.02
N ILE A 11 0.60 -1.25 0.39
CA ILE A 11 1.20 -2.23 1.28
C ILE A 11 0.37 -2.41 2.55
N ALA A 12 -0.36 -1.36 2.92
CA ALA A 12 -1.20 -1.39 4.11
C ALA A 12 -2.62 -0.93 3.80
N HIS A 13 -2.85 -0.57 2.54
CA HIS A 13 -4.16 -0.10 2.11
C HIS A 13 -5.02 -1.26 1.61
N ILE A 14 -4.49 -2.47 1.74
CA ILE A 14 -5.21 -3.67 1.32
C ILE A 14 -5.40 -4.63 2.48
N ARG A 15 -4.73 -4.35 3.59
CA ARG A 15 -4.83 -5.21 4.77
C ARG A 15 -5.88 -4.67 5.74
N GLU A 16 -6.21 -3.39 5.60
CA GLU A 16 -7.19 -2.76 6.47
C GLU A 16 -8.57 -2.76 5.81
N ILE A 17 -8.59 -2.64 4.49
CA ILE A 17 -9.83 -2.64 3.74
C ILE A 17 -10.37 -4.04 3.55
N ALA A 18 -9.47 -5.01 3.43
CA ALA A 18 -9.85 -6.41 3.25
C ALA A 18 -9.65 -7.21 4.53
N GLY A 19 -8.77 -6.70 5.40
CA GLY A 19 -8.51 -7.39 6.65
C GLY A 19 -7.22 -8.19 6.62
N ARG A 1 13.76 1.46 -5.01
CA ARG A 1 12.73 1.76 -4.02
C ARG A 1 11.54 2.47 -4.67
N MET A 2 11.70 2.82 -5.94
CA MET A 2 10.64 3.50 -6.67
C MET A 2 9.38 2.65 -6.72
N LEU A 3 9.54 1.35 -6.47
CA LEU A 3 8.41 0.43 -6.49
C LEU A 3 7.93 0.12 -5.07
N LEU A 4 8.60 0.71 -4.09
CA LEU A 4 8.25 0.50 -2.69
C LEU A 4 7.67 1.77 -2.08
N THR A 5 8.02 2.92 -2.66
CA THR A 5 7.54 4.20 -2.17
C THR A 5 6.05 4.37 -2.43
N PRO A 6 5.67 4.31 -3.72
CA PRO A 6 4.27 4.45 -4.14
C PRO A 6 3.43 3.26 -3.73
N LEU A 7 4.07 2.12 -3.54
CA LEU A 7 3.38 0.89 -3.15
C LEU A 7 3.28 0.78 -1.63
N ALA A 8 4.14 1.53 -0.93
CA ALA A 8 4.16 1.52 0.53
C ALA A 8 2.77 1.82 1.09
N LYS A 9 1.96 2.54 0.31
CA LYS A 9 0.62 2.91 0.74
C LYS A 9 -0.32 1.71 0.66
N ILE A 10 -0.50 1.19 -0.54
CA ILE A 10 -1.37 0.03 -0.74
C ILE A 10 -0.86 -1.19 0.03
N ILE A 11 0.43 -1.17 0.36
CA ILE A 11 1.04 -2.27 1.10
C ILE A 11 0.25 -2.59 2.36
N ALA A 12 -0.45 -1.59 2.88
CA ALA A 12 -1.26 -1.77 4.09
C ALA A 12 -2.73 -1.49 3.82
N HIS A 13 -2.98 -0.56 2.89
CA HIS A 13 -4.35 -0.19 2.54
C HIS A 13 -5.18 -1.43 2.21
N ILE A 14 -4.57 -2.37 1.49
CA ILE A 14 -5.26 -3.59 1.11
C ILE A 14 -5.52 -4.48 2.32
N ARG A 15 -4.57 -4.48 3.25
CA ARG A 15 -4.71 -5.28 4.47
C ARG A 15 -5.67 -4.64 5.45
N GLU A 16 -5.96 -3.36 5.23
CA GLU A 16 -6.88 -2.63 6.09
C GLU A 16 -8.31 -2.75 5.60
N ILE A 17 -8.48 -2.74 4.29
CA ILE A 17 -9.80 -2.85 3.68
C ILE A 17 -10.23 -4.32 3.55
N ALA A 18 -9.25 -5.18 3.35
CA ALA A 18 -9.52 -6.62 3.21
C ALA A 18 -9.27 -7.35 4.53
N GLY A 19 -8.46 -6.75 5.39
CA GLY A 19 -8.16 -7.36 6.67
C GLY A 19 -8.82 -6.64 7.83
N ARG A 1 9.43 5.77 -10.60
CA ARG A 1 8.95 5.87 -9.22
C ARG A 1 7.43 5.91 -9.18
N MET A 2 6.81 6.06 -10.36
CA MET A 2 5.36 6.12 -10.46
C MET A 2 4.74 4.80 -10.02
N LEU A 3 5.56 3.76 -9.92
CA LEU A 3 5.08 2.44 -9.52
C LEU A 3 5.42 2.17 -8.05
N LEU A 4 6.24 3.03 -7.46
CA LEU A 4 6.64 2.89 -6.07
C LEU A 4 5.80 3.80 -5.17
N THR A 5 5.30 4.89 -5.76
CA THR A 5 4.49 5.84 -5.01
C THR A 5 3.15 5.23 -4.60
N PRO A 6 2.36 4.80 -5.60
CA PRO A 6 1.06 4.18 -5.37
C PRO A 6 1.17 2.81 -4.73
N LEU A 7 2.34 2.18 -4.87
CA LEU A 7 2.57 0.86 -4.30
C LEU A 7 3.07 0.96 -2.87
N ALA A 8 3.54 2.15 -2.50
CA ALA A 8 4.05 2.38 -1.15
C ALA A 8 2.93 2.82 -0.21
N LYS A 9 1.69 2.63 -0.64
CA LYS A 9 0.53 3.00 0.15
C LYS A 9 -0.60 2.01 -0.03
N ILE A 10 -0.29 0.85 -0.59
CA ILE A 10 -1.28 -0.19 -0.83
C ILE A 10 -0.95 -1.45 -0.03
N ILE A 11 0.32 -1.61 0.30
CA ILE A 11 0.77 -2.78 1.07
C ILE A 11 0.17 -2.77 2.47
N ALA A 12 -0.33 -1.61 2.90
CA ALA A 12 -0.92 -1.48 4.22
C ALA A 12 -2.39 -1.08 4.12
N HIS A 13 -2.75 -0.48 2.99
CA HIS A 13 -4.14 -0.04 2.77
C HIS A 13 -5.01 -1.22 2.34
N ILE A 14 -4.40 -2.39 2.23
CA ILE A 14 -5.13 -3.59 1.82
C ILE A 14 -5.33 -4.53 3.00
N ARG A 15 -4.63 -4.26 4.10
CA ARG A 15 -4.73 -5.08 5.30
C ARG A 15 -5.91 -4.64 6.16
N GLU A 16 -6.49 -3.49 5.82
CA GLU A 16 -7.63 -2.96 6.55
C GLU A 16 -8.90 -2.98 5.70
N ILE A 17 -8.77 -2.56 4.45
CA ILE A 17 -9.90 -2.53 3.54
C ILE A 17 -10.35 -3.94 3.17
N ALA A 18 -9.40 -4.88 3.17
CA ALA A 18 -9.70 -6.27 2.84
C ALA A 18 -8.89 -7.22 3.71
N GLY A 19 -8.28 -6.69 4.76
CA GLY A 19 -7.47 -7.50 5.65
C GLY A 19 -8.04 -7.54 7.06
N ARG A 1 12.12 8.86 -1.93
CA ARG A 1 10.80 8.37 -2.31
C ARG A 1 10.73 6.85 -2.25
N MET A 2 11.90 6.23 -2.09
CA MET A 2 11.98 4.77 -2.02
C MET A 2 11.15 4.24 -0.86
N LEU A 3 10.83 5.12 0.08
CA LEU A 3 10.05 4.73 1.25
C LEU A 3 8.60 5.17 1.10
N LEU A 4 8.29 5.80 -0.02
CA LEU A 4 6.93 6.28 -0.29
C LEU A 4 6.30 5.50 -1.44
N THR A 5 7.14 4.89 -2.27
CA THR A 5 6.67 4.11 -3.40
C THR A 5 6.06 2.79 -2.94
N PRO A 6 6.88 1.96 -2.28
CA PRO A 6 6.45 0.66 -1.78
C PRO A 6 5.47 0.78 -0.61
N LEU A 7 5.48 1.94 0.04
CA LEU A 7 4.60 2.18 1.17
C LEU A 7 3.51 3.19 0.80
N ALA A 8 3.46 3.55 -0.48
CA ALA A 8 2.46 4.50 -0.95
C ALA A 8 1.06 4.14 -0.44
N LYS A 9 0.67 2.89 -0.66
CA LYS A 9 -0.64 2.42 -0.23
C LYS A 9 -0.84 0.96 -0.60
N ILE A 10 0.23 0.18 -0.50
CA ILE A 10 0.17 -1.25 -0.83
C ILE A 10 0.69 -2.09 0.32
N ILE A 11 0.71 -1.51 1.51
CA ILE A 11 1.18 -2.21 2.71
C ILE A 11 0.27 -1.96 3.89
N ALA A 12 -0.84 -1.26 3.64
CA ALA A 12 -1.80 -0.95 4.69
C ALA A 12 -2.99 -0.19 4.13
N HIS A 13 -3.35 -0.48 2.89
CA HIS A 13 -4.47 0.19 2.23
C HIS A 13 -5.50 -0.83 1.77
N ILE A 14 -5.03 -2.00 1.36
CA ILE A 14 -5.92 -3.06 0.88
C ILE A 14 -5.88 -4.27 1.82
N ARG A 15 -4.83 -4.35 2.61
CA ARG A 15 -4.67 -5.46 3.56
C ARG A 15 -5.30 -5.12 4.90
N GLU A 16 -5.71 -3.86 5.05
CA GLU A 16 -6.32 -3.41 6.29
C GLU A 16 -7.83 -3.20 6.11
N ILE A 17 -8.21 -2.63 4.98
CA ILE A 17 -9.61 -2.39 4.68
C ILE A 17 -10.35 -3.69 4.37
N ALA A 18 -9.62 -4.64 3.79
CA ALA A 18 -10.20 -5.93 3.43
C ALA A 18 -9.54 -7.06 4.21
N GLY A 19 -8.34 -6.80 4.73
CA GLY A 19 -7.63 -7.80 5.49
C GLY A 19 -7.60 -7.50 6.97
N ARG A 1 12.59 3.71 -6.95
CA ARG A 1 11.82 4.06 -5.77
C ARG A 1 10.37 4.38 -6.14
N MET A 2 10.10 4.41 -7.44
CA MET A 2 8.75 4.70 -7.93
C MET A 2 7.82 3.52 -7.67
N LEU A 3 8.38 2.40 -7.24
CA LEU A 3 7.60 1.20 -6.96
C LEU A 3 7.39 1.03 -5.46
N LEU A 4 8.23 1.68 -4.67
CA LEU A 4 8.14 1.60 -3.21
C LEU A 4 7.30 2.75 -2.66
N THR A 5 7.22 3.83 -3.42
CA THR A 5 6.46 5.00 -3.00
C THR A 5 4.96 4.70 -2.99
N PRO A 6 4.43 4.29 -4.15
CA PRO A 6 3.01 3.97 -4.30
C PRO A 6 2.63 2.69 -3.56
N LEU A 7 3.61 1.81 -3.36
CA LEU A 7 3.36 0.56 -2.66
C LEU A 7 3.55 0.73 -1.15
N ALA A 8 4.25 1.78 -0.76
CA ALA A 8 4.49 2.06 0.65
C ALA A 8 3.18 2.11 1.43
N LYS A 9 2.09 2.46 0.73
CA LYS A 9 0.78 2.55 1.35
C LYS A 9 -0.11 1.39 0.92
N ILE A 10 0.11 0.90 -0.30
CA ILE A 10 -0.67 -0.21 -0.82
C ILE A 10 -0.62 -1.41 0.11
N ILE A 11 0.44 -1.49 0.91
CA ILE A 11 0.60 -2.59 1.86
C ILE A 11 -0.50 -2.56 2.92
N ALA A 12 -1.18 -1.42 3.03
CA ALA A 12 -2.26 -1.27 4.00
C ALA A 12 -3.59 -0.98 3.31
N HIS A 13 -3.52 -0.40 2.13
CA HIS A 13 -4.72 -0.07 1.36
C HIS A 13 -5.56 -1.32 1.11
N ILE A 14 -4.91 -2.48 1.14
CA ILE A 14 -5.60 -3.74 0.91
C ILE A 14 -5.49 -4.65 2.13
N ARG A 15 -4.62 -4.29 3.06
CA ARG A 15 -4.42 -5.07 4.27
C ARG A 15 -5.31 -4.56 5.40
N GLU A 16 -5.82 -3.34 5.24
CA GLU A 16 -6.69 -2.74 6.24
C GLU A 16 -8.14 -2.75 5.78
N ILE A 17 -8.34 -2.54 4.48
CA ILE A 17 -9.69 -2.53 3.92
C ILE A 17 -10.30 -3.93 3.90
N ALA A 18 -9.44 -4.94 3.78
CA ALA A 18 -9.88 -6.33 3.77
C ALA A 18 -9.31 -7.10 4.94
N GLY A 19 -8.29 -6.54 5.58
CA GLY A 19 -7.67 -7.21 6.72
C GLY A 19 -6.50 -8.07 6.31
N ARG A 1 12.61 8.44 -2.66
CA ARG A 1 11.52 8.03 -1.78
C ARG A 1 10.20 7.96 -2.56
N MET A 2 10.24 8.37 -3.82
CA MET A 2 9.05 8.35 -4.66
C MET A 2 8.57 6.92 -4.88
N LEU A 3 9.44 5.95 -4.58
CA LEU A 3 9.09 4.54 -4.75
C LEU A 3 8.76 3.90 -3.41
N LEU A 4 8.93 4.67 -2.34
CA LEU A 4 8.64 4.17 -0.99
C LEU A 4 7.35 4.77 -0.45
N THR A 5 6.99 5.95 -0.97
CA THR A 5 5.78 6.63 -0.54
C THR A 5 4.53 5.88 -1.01
N PRO A 6 4.41 5.69 -2.33
CA PRO A 6 3.27 4.99 -2.94
C PRO A 6 3.28 3.50 -2.63
N LEU A 7 4.44 2.99 -2.25
CA LEU A 7 4.57 1.57 -1.93
C LEU A 7 4.30 1.32 -0.45
N ALA A 8 4.40 2.38 0.36
CA ALA A 8 4.15 2.27 1.79
C ALA A 8 2.70 2.59 2.12
N LYS A 9 1.85 2.55 1.09
CA LYS A 9 0.43 2.83 1.28
C LYS A 9 -0.43 1.68 0.77
N ILE A 10 0.06 1.00 -0.27
CA ILE A 10 -0.66 -0.13 -0.86
C ILE A 10 -0.61 -1.34 0.06
N ILE A 11 0.51 -1.51 0.76
CA ILE A 11 0.68 -2.63 1.67
C ILE A 11 -0.37 -2.61 2.77
N ALA A 12 -0.98 -1.44 2.98
CA ALA A 12 -2.01 -1.29 3.99
C ALA A 12 -3.36 -0.92 3.37
N HIS A 13 -3.32 -0.50 2.11
CA HIS A 13 -4.53 -0.11 1.39
C HIS A 13 -5.41 -1.33 1.12
N ILE A 14 -4.78 -2.50 1.08
CA ILE A 14 -5.51 -3.74 0.82
C ILE A 14 -5.32 -4.74 1.96
N ARG A 15 -4.58 -4.32 2.99
CA ARG A 15 -4.32 -5.16 4.15
C ARG A 15 -5.21 -4.76 5.32
N GLU A 16 -5.72 -3.54 5.27
CA GLU A 16 -6.58 -3.02 6.33
C GLU A 16 -8.03 -2.94 5.86
N ILE A 17 -8.21 -2.66 4.57
CA ILE A 17 -9.55 -2.56 4.00
C ILE A 17 -10.21 -3.92 3.90
N ALA A 18 -9.40 -4.96 3.72
CA ALA A 18 -9.91 -6.32 3.60
C ALA A 18 -9.40 -7.19 4.74
N GLY A 19 -8.33 -6.74 5.38
CA GLY A 19 -7.76 -7.50 6.49
C GLY A 19 -8.15 -6.94 7.84
N ARG A 1 9.08 8.67 -8.92
CA ARG A 1 8.57 8.55 -7.56
C ARG A 1 7.05 8.38 -7.57
N MET A 2 6.46 8.49 -8.75
CA MET A 2 5.01 8.35 -8.90
C MET A 2 4.60 6.88 -8.74
N LEU A 3 5.58 6.00 -8.68
CA LEU A 3 5.31 4.57 -8.51
C LEU A 3 5.57 4.12 -7.09
N LEU A 4 6.34 4.91 -6.35
CA LEU A 4 6.66 4.60 -4.96
C LEU A 4 5.66 5.26 -4.02
N THR A 5 5.06 6.35 -4.47
CA THR A 5 4.08 7.07 -3.66
C THR A 5 2.82 6.24 -3.44
N PRO A 6 2.18 5.83 -4.55
CA PRO A 6 0.95 5.03 -4.50
C PRO A 6 1.21 3.61 -4.02
N LEU A 7 2.45 3.15 -4.17
CA LEU A 7 2.83 1.81 -3.75
C LEU A 7 3.20 1.78 -2.26
N ALA A 8 3.53 2.96 -1.72
CA ALA A 8 3.90 3.08 -0.32
C ALA A 8 2.67 3.33 0.55
N LYS A 9 1.49 3.17 -0.04
CA LYS A 9 0.24 3.38 0.68
C LYS A 9 -0.76 2.27 0.36
N ILE A 10 -0.30 1.23 -0.32
CA ILE A 10 -1.16 0.12 -0.68
C ILE A 10 -0.67 -1.18 -0.03
N ILE A 11 0.59 -1.19 0.39
CA ILE A 11 1.17 -2.36 1.02
C ILE A 11 0.43 -2.71 2.31
N ALA A 12 -0.35 -1.76 2.82
CA ALA A 12 -1.12 -1.97 4.04
C ALA A 12 -2.60 -1.71 3.81
N HIS A 13 -2.90 -0.75 2.95
CA HIS A 13 -4.29 -0.40 2.64
C HIS A 13 -5.09 -1.66 2.28
N ILE A 14 -4.44 -2.58 1.57
CA ILE A 14 -5.11 -3.82 1.17
C ILE A 14 -5.43 -4.69 2.37
N ARG A 15 -4.54 -4.68 3.36
CA ARG A 15 -4.74 -5.48 4.57
C ARG A 15 -5.70 -4.78 5.52
N GLU A 16 -5.88 -3.48 5.33
CA GLU A 16 -6.78 -2.70 6.17
C GLU A 16 -8.19 -2.69 5.61
N ILE A 17 -8.29 -2.72 4.29
CA ILE A 17 -9.59 -2.71 3.61
C ILE A 17 -10.14 -4.12 3.47
N ALA A 18 -9.24 -5.09 3.31
CA ALA A 18 -9.64 -6.48 3.17
C ALA A 18 -9.57 -7.22 4.50
N GLY A 19 -8.74 -6.69 5.42
CA GLY A 19 -8.59 -7.32 6.72
C GLY A 19 -9.17 -6.47 7.84
N ARG A 1 11.85 8.84 -3.87
CA ARG A 1 10.41 8.61 -3.96
C ARG A 1 10.12 7.16 -4.34
N MET A 2 11.18 6.44 -4.75
CA MET A 2 11.03 5.05 -5.15
C MET A 2 10.55 4.19 -3.98
N LEU A 3 10.66 4.74 -2.77
CA LEU A 3 10.23 4.04 -1.57
C LEU A 3 8.88 4.55 -1.08
N LEU A 4 8.39 5.61 -1.71
CA LEU A 4 7.11 6.20 -1.35
C LEU A 4 6.02 5.81 -2.34
N THR A 5 6.44 5.43 -3.54
CA THR A 5 5.50 5.03 -4.58
C THR A 5 4.91 3.66 -4.29
N PRO A 6 5.77 2.63 -4.21
CA PRO A 6 5.35 1.26 -3.93
C PRO A 6 4.87 1.08 -2.50
N LEU A 7 5.21 2.04 -1.64
CA LEU A 7 4.80 1.99 -0.24
C LEU A 7 3.81 3.10 0.08
N ALA A 8 3.40 3.83 -0.95
CA ALA A 8 2.45 4.92 -0.78
C ALA A 8 1.27 4.48 0.09
N LYS A 9 0.60 3.40 -0.32
CA LYS A 9 -0.55 2.88 0.42
C LYS A 9 -1.05 1.59 -0.21
N ILE A 10 -0.13 0.81 -0.78
CA ILE A 10 -0.48 -0.45 -1.42
C ILE A 10 0.14 -1.63 -0.67
N ILE A 11 0.67 -1.35 0.52
CA ILE A 11 1.28 -2.39 1.33
C ILE A 11 0.82 -2.29 2.78
N ALA A 12 -0.11 -1.39 3.04
CA ALA A 12 -0.64 -1.20 4.39
C ALA A 12 -2.05 -0.64 4.35
N HIS A 13 -2.71 -0.78 3.20
CA HIS A 13 -4.07 -0.28 3.02
C HIS A 13 -5.01 -1.41 2.58
N ILE A 14 -4.49 -2.30 1.75
CA ILE A 14 -5.28 -3.43 1.25
C ILE A 14 -5.60 -4.41 2.36
N ARG A 15 -4.65 -4.59 3.28
CA ARG A 15 -4.83 -5.51 4.40
C ARG A 15 -5.74 -4.90 5.46
N GLU A 16 -5.92 -3.58 5.38
CA GLU A 16 -6.75 -2.88 6.35
C GLU A 16 -8.20 -2.81 5.86
N ILE A 17 -8.37 -2.67 4.55
CA ILE A 17 -9.70 -2.58 3.95
C ILE A 17 -10.26 -3.98 3.67
N ALA A 18 -9.38 -4.92 3.37
CA ALA A 18 -9.78 -6.29 3.09
C ALA A 18 -9.63 -7.17 4.32
N GLY A 19 -8.79 -6.75 5.26
CA GLY A 19 -8.57 -7.50 6.47
C GLY A 19 -9.87 -7.85 7.18
N ARG A 1 10.10 5.52 -9.42
CA ARG A 1 9.69 5.79 -8.05
C ARG A 1 8.19 6.05 -7.98
N MET A 2 7.55 6.12 -9.15
CA MET A 2 6.11 6.36 -9.21
C MET A 2 5.32 5.07 -8.95
N LEU A 3 6.05 3.99 -8.73
CA LEU A 3 5.42 2.69 -8.46
C LEU A 3 5.53 2.33 -6.99
N LEU A 4 6.56 2.85 -6.34
CA LEU A 4 6.79 2.58 -4.93
C LEU A 4 6.08 3.62 -4.05
N THR A 5 5.83 4.79 -4.63
CA THR A 5 5.15 5.86 -3.91
C THR A 5 3.70 5.51 -3.59
N PRO A 6 2.94 5.21 -4.66
CA PRO A 6 1.52 4.85 -4.53
C PRO A 6 1.33 3.47 -3.89
N LEU A 7 2.34 2.62 -4.03
CA LEU A 7 2.29 1.27 -3.47
C LEU A 7 2.78 1.27 -2.03
N ALA A 8 3.56 2.29 -1.67
CA ALA A 8 4.10 2.41 -0.33
C ALA A 8 3.00 2.30 0.72
N LYS A 9 1.79 2.70 0.35
CA LYS A 9 0.65 2.66 1.24
C LYS A 9 -0.30 1.53 0.87
N ILE A 10 -0.38 1.23 -0.43
CA ILE A 10 -1.24 0.17 -0.91
C ILE A 10 -0.99 -1.13 -0.17
N ILE A 11 0.22 -1.28 0.35
CA ILE A 11 0.59 -2.49 1.09
C ILE A 11 -0.21 -2.60 2.38
N ALA A 12 -0.50 -1.45 3.00
CA ALA A 12 -1.26 -1.42 4.24
C ALA A 12 -2.73 -1.14 3.96
N HIS A 13 -3.03 -0.67 2.76
CA HIS A 13 -4.40 -0.36 2.39
C HIS A 13 -5.20 -1.64 2.11
N ILE A 14 -4.57 -2.57 1.40
CA ILE A 14 -5.22 -3.84 1.07
C ILE A 14 -5.48 -4.67 2.32
N ARG A 15 -4.54 -4.60 3.27
CA ARG A 15 -4.66 -5.35 4.51
C ARG A 15 -5.60 -4.63 5.49
N GLU A 16 -5.88 -3.36 5.20
CA GLU A 16 -6.76 -2.57 6.05
C GLU A 16 -8.18 -2.55 5.51
N ILE A 17 -8.31 -2.72 4.19
CA ILE A 17 -9.61 -2.73 3.54
C ILE A 17 -10.19 -4.13 3.49
N ALA A 18 -9.33 -5.13 3.35
CA ALA A 18 -9.75 -6.52 3.29
C ALA A 18 -9.11 -7.34 4.41
N GLY A 19 -8.64 -6.65 5.45
CA GLY A 19 -8.01 -7.34 6.56
C GLY A 19 -8.27 -6.65 7.89
N ARG A 1 12.06 5.57 -6.59
CA ARG A 1 11.19 5.81 -5.45
C ARG A 1 9.73 5.85 -5.89
N MET A 2 9.51 5.89 -7.20
CA MET A 2 8.16 5.93 -7.76
C MET A 2 7.39 4.65 -7.43
N LEU A 3 8.12 3.63 -6.98
CA LEU A 3 7.51 2.35 -6.64
C LEU A 3 7.34 2.22 -5.13
N LEU A 4 8.00 3.11 -4.38
CA LEU A 4 7.92 3.10 -2.93
C LEU A 4 6.86 4.08 -2.44
N THR A 5 6.59 5.11 -3.25
CA THR A 5 5.61 6.13 -2.89
C THR A 5 4.20 5.54 -2.86
N PRO A 6 3.76 5.00 -4.00
CA PRO A 6 2.43 4.40 -4.13
C PRO A 6 2.31 3.08 -3.35
N LEU A 7 3.45 2.45 -3.09
CA LEU A 7 3.47 1.20 -2.36
C LEU A 7 3.60 1.44 -0.86
N ALA A 8 4.03 2.65 -0.50
CA ALA A 8 4.20 3.01 0.90
C ALA A 8 2.89 2.88 1.67
N LYS A 9 1.78 2.87 0.94
CA LYS A 9 0.46 2.75 1.54
C LYS A 9 -0.27 1.52 1.03
N ILE A 10 0.08 1.10 -0.18
CA ILE A 10 -0.54 -0.08 -0.79
C ILE A 10 -0.42 -1.29 0.12
N ILE A 11 0.62 -1.31 0.96
CA ILE A 11 0.84 -2.40 1.89
C ILE A 11 -0.30 -2.53 2.88
N ALA A 12 -1.11 -1.48 2.98
CA ALA A 12 -2.25 -1.47 3.89
C ALA A 12 -3.54 -1.18 3.16
N HIS A 13 -3.42 -0.64 1.95
CA HIS A 13 -4.59 -0.32 1.14
C HIS A 13 -5.50 -1.53 0.98
N ILE A 14 -4.89 -2.70 0.83
CA ILE A 14 -5.64 -3.93 0.67
C ILE A 14 -5.41 -4.89 1.85
N ARG A 15 -4.66 -4.41 2.84
CA ARG A 15 -4.35 -5.23 4.01
C ARG A 15 -5.11 -4.70 5.24
N GLU A 16 -5.69 -3.51 5.10
CA GLU A 16 -6.44 -2.90 6.20
C GLU A 16 -7.92 -2.80 5.86
N ILE A 17 -8.21 -2.59 4.57
CA ILE A 17 -9.60 -2.48 4.11
C ILE A 17 -10.28 -3.84 4.10
N ALA A 18 -9.50 -4.89 3.86
CA ALA A 18 -10.03 -6.24 3.82
C ALA A 18 -9.41 -7.10 4.92
N GLY A 19 -8.25 -6.68 5.41
CA GLY A 19 -7.58 -7.43 6.46
C GLY A 19 -7.99 -6.98 7.85
N ARG A 1 11.98 3.97 -7.74
CA ARG A 1 11.23 4.30 -6.54
C ARG A 1 9.74 4.47 -6.85
N MET A 2 9.40 4.41 -8.13
CA MET A 2 8.02 4.55 -8.56
C MET A 2 7.19 3.34 -8.15
N LEU A 3 7.87 2.29 -7.70
CA LEU A 3 7.20 1.08 -7.28
C LEU A 3 7.13 0.99 -5.75
N LEU A 4 7.92 1.82 -5.08
CA LEU A 4 7.95 1.84 -3.63
C LEU A 4 7.04 2.94 -3.09
N THR A 5 6.83 3.98 -3.88
CA THR A 5 5.97 5.09 -3.49
C THR A 5 4.52 4.65 -3.35
N PRO A 6 3.95 4.11 -4.44
CA PRO A 6 2.57 3.64 -4.47
C PRO A 6 2.37 2.39 -3.64
N LEU A 7 3.45 1.64 -3.44
CA LEU A 7 3.39 0.41 -2.65
C LEU A 7 3.64 0.69 -1.17
N ALA A 8 4.22 1.85 -0.89
CA ALA A 8 4.51 2.25 0.48
C ALA A 8 3.24 2.31 1.32
N LYS A 9 2.10 2.42 0.65
CA LYS A 9 0.82 2.50 1.33
C LYS A 9 -0.09 1.33 0.92
N ILE A 10 0.14 0.80 -0.28
CA ILE A 10 -0.64 -0.30 -0.79
C ILE A 10 -0.62 -1.49 0.17
N ILE A 11 0.45 -1.56 0.97
CA ILE A 11 0.59 -2.64 1.94
C ILE A 11 -0.51 -2.58 3.00
N ALA A 12 -1.20 -1.45 3.07
CA ALA A 12 -2.27 -1.25 4.03
C ALA A 12 -3.59 -0.96 3.32
N HIS A 13 -3.51 -0.39 2.13
CA HIS A 13 -4.70 -0.05 1.35
C HIS A 13 -5.56 -1.29 1.11
N ILE A 14 -4.93 -2.46 1.17
CA ILE A 14 -5.64 -3.71 0.96
C ILE A 14 -5.58 -4.59 2.21
N ARG A 15 -4.64 -4.29 3.09
CA ARG A 15 -4.48 -5.05 4.33
C ARG A 15 -5.29 -4.41 5.46
N GLU A 16 -5.93 -3.29 5.16
CA GLU A 16 -6.73 -2.58 6.16
C GLU A 16 -8.21 -2.66 5.82
N ILE A 17 -8.53 -2.51 4.54
CA ILE A 17 -9.91 -2.56 4.08
C ILE A 17 -10.44 -4.00 4.06
N ALA A 18 -9.53 -4.94 3.83
CA ALA A 18 -9.91 -6.35 3.79
C ALA A 18 -9.20 -7.13 4.90
N GLY A 19 -8.09 -6.59 5.39
CA GLY A 19 -7.34 -7.25 6.44
C GLY A 19 -6.13 -7.98 5.92
N ARG A 1 13.56 4.40 -4.39
CA ARG A 1 12.53 4.84 -3.45
C ARG A 1 11.17 4.87 -4.11
N MET A 2 11.14 4.62 -5.42
CA MET A 2 9.90 4.62 -6.18
C MET A 2 9.15 3.29 -6.00
N LEU A 3 9.76 2.39 -5.25
CA LEU A 3 9.16 1.08 -5.00
C LEU A 3 8.60 0.99 -3.59
N LEU A 4 9.16 1.78 -2.67
CA LEU A 4 8.71 1.80 -1.29
C LEU A 4 7.62 2.85 -1.09
N THR A 5 7.59 3.84 -1.97
CA THR A 5 6.60 4.90 -1.89
C THR A 5 5.20 4.38 -2.18
N PRO A 6 5.03 3.79 -3.37
CA PRO A 6 3.75 3.23 -3.81
C PRO A 6 3.36 1.98 -3.02
N LEU A 7 4.37 1.28 -2.50
CA LEU A 7 4.14 0.06 -1.73
C LEU A 7 3.88 0.39 -0.26
N ALA A 8 4.28 1.59 0.15
CA ALA A 8 4.08 2.02 1.53
C ALA A 8 2.60 2.10 1.88
N LYS A 9 1.76 2.10 0.85
CA LYS A 9 0.32 2.17 1.06
C LYS A 9 -0.36 0.89 0.58
N ILE A 10 0.30 0.18 -0.35
CA ILE A 10 -0.23 -1.06 -0.87
C ILE A 10 -0.47 -2.08 0.23
N ILE A 11 0.22 -1.90 1.35
CA ILE A 11 0.08 -2.79 2.50
C ILE A 11 -0.78 -2.17 3.58
N ALA A 12 -1.34 -1.01 3.30
CA ALA A 12 -2.19 -0.31 4.26
C ALA A 12 -3.43 0.26 3.57
N HIS A 13 -3.70 -0.21 2.36
CA HIS A 13 -4.86 0.24 1.61
C HIS A 13 -5.77 -0.93 1.25
N ILE A 14 -5.17 -2.09 0.99
CA ILE A 14 -5.93 -3.29 0.64
C ILE A 14 -5.71 -4.39 1.68
N ARG A 15 -4.71 -4.22 2.52
CA ARG A 15 -4.41 -5.20 3.56
C ARG A 15 -5.04 -4.81 4.88
N GLU A 16 -5.53 -3.57 4.96
CA GLU A 16 -6.18 -3.07 6.17
C GLU A 16 -7.68 -3.00 6.00
N ILE A 17 -8.13 -2.63 4.80
CA ILE A 17 -9.55 -2.53 4.50
C ILE A 17 -10.18 -3.90 4.33
N ALA A 18 -9.39 -4.86 3.84
CA ALA A 18 -9.87 -6.21 3.63
C ALA A 18 -9.12 -7.20 4.52
N GLY A 19 -7.91 -6.82 4.93
CA GLY A 19 -7.12 -7.69 5.78
C GLY A 19 -7.01 -7.18 7.20
N ARG A 1 13.16 2.82 -6.18
CA ARG A 1 12.35 3.13 -5.01
C ARG A 1 11.07 3.86 -5.40
N MET A 2 10.95 4.19 -6.69
CA MET A 2 9.77 4.87 -7.19
C MET A 2 8.57 3.94 -7.25
N LEU A 3 8.82 2.65 -7.01
CA LEU A 3 7.76 1.65 -7.03
C LEU A 3 7.35 1.26 -5.61
N LEU A 4 8.21 1.54 -4.65
CA LEU A 4 7.94 1.22 -3.25
C LEU A 4 7.35 2.43 -2.53
N THR A 5 7.61 3.62 -3.05
CA THR A 5 7.09 4.84 -2.46
C THR A 5 5.59 4.94 -2.61
N PRO A 6 5.10 4.90 -3.86
CA PRO A 6 3.67 4.96 -4.16
C PRO A 6 2.92 3.71 -3.72
N LEU A 7 3.63 2.60 -3.65
CA LEU A 7 3.03 1.33 -3.25
C LEU A 7 3.10 1.15 -1.74
N ALA A 8 3.98 1.92 -1.09
CA ALA A 8 4.15 1.85 0.35
C ALA A 8 2.80 1.99 1.06
N LYS A 9 1.89 2.73 0.45
CA LYS A 9 0.56 2.94 1.02
C LYS A 9 -0.31 1.70 0.82
N ILE A 10 -0.59 1.37 -0.43
CA ILE A 10 -1.41 0.21 -0.76
C ILE A 10 -0.90 -1.04 -0.06
N ILE A 11 0.40 -1.06 0.24
CA ILE A 11 1.02 -2.19 0.91
C ILE A 11 0.26 -2.56 2.17
N ALA A 12 -0.42 -1.58 2.76
CA ALA A 12 -1.18 -1.80 3.98
C ALA A 12 -2.68 -1.58 3.74
N HIS A 13 -3.00 -0.71 2.78
CA HIS A 13 -4.39 -0.40 2.45
C HIS A 13 -5.17 -1.69 2.19
N ILE A 14 -4.50 -2.67 1.57
CA ILE A 14 -5.14 -3.94 1.26
C ILE A 14 -5.39 -4.75 2.53
N ARG A 15 -4.47 -4.65 3.47
CA ARG A 15 -4.58 -5.38 4.74
C ARG A 15 -5.59 -4.71 5.66
N GLU A 16 -6.04 -3.51 5.28
CA GLU A 16 -7.00 -2.77 6.08
C GLU A 16 -8.37 -2.79 5.43
N ILE A 17 -8.41 -2.66 4.11
CA ILE A 17 -9.67 -2.67 3.37
C ILE A 17 -10.27 -4.08 3.34
N ALA A 18 -9.40 -5.08 3.37
CA ALA A 18 -9.85 -6.47 3.35
C ALA A 18 -9.46 -7.20 4.62
N GLY A 19 -8.51 -6.62 5.36
CA GLY A 19 -8.06 -7.23 6.60
C GLY A 19 -8.48 -6.43 7.82
N ARG A 1 7.02 11.04 -8.43
CA ARG A 1 6.51 10.70 -7.11
C ARG A 1 5.10 10.11 -7.21
N MET A 2 4.52 10.19 -8.39
CA MET A 2 3.17 9.65 -8.62
C MET A 2 3.15 8.14 -8.44
N LEU A 3 4.32 7.54 -8.41
CA LEU A 3 4.43 6.09 -8.24
C LEU A 3 4.82 5.74 -6.80
N LEU A 4 5.18 6.76 -6.03
CA LEU A 4 5.57 6.56 -4.63
C LEU A 4 4.42 6.90 -3.69
N THR A 5 3.51 7.76 -4.16
CA THR A 5 2.36 8.15 -3.36
C THR A 5 1.39 6.99 -3.17
N PRO A 6 0.88 6.45 -4.29
CA PRO A 6 -0.06 5.33 -4.27
C PRO A 6 0.60 4.03 -3.83
N LEU A 7 1.93 3.98 -3.94
CA LEU A 7 2.68 2.79 -3.56
C LEU A 7 3.03 2.82 -2.08
N ALA A 8 3.01 4.01 -1.49
CA ALA A 8 3.33 4.18 -0.08
C ALA A 8 2.07 4.09 0.77
N LYS A 9 1.22 3.12 0.46
CA LYS A 9 -0.02 2.93 1.21
C LYS A 9 -0.66 1.59 0.84
N ILE A 10 -0.67 1.26 -0.44
CA ILE A 10 -1.25 0.03 -0.92
C ILE A 10 -0.64 -1.18 -0.20
N ILE A 11 0.60 -1.02 0.25
CA ILE A 11 1.30 -2.09 0.96
C ILE A 11 0.61 -2.41 2.28
N ALA A 12 -0.26 -1.51 2.72
CA ALA A 12 -0.99 -1.71 3.98
C ALA A 12 -2.47 -1.41 3.80
N HIS A 13 -2.86 -1.06 2.57
CA HIS A 13 -4.25 -0.74 2.28
C HIS A 13 -5.07 -2.02 2.08
N ILE A 14 -4.41 -3.05 1.57
CA ILE A 14 -5.07 -4.33 1.34
C ILE A 14 -5.32 -5.08 2.64
N ARG A 15 -4.60 -4.68 3.69
CA ARG A 15 -4.75 -5.30 5.00
C ARG A 15 -5.72 -4.51 5.88
N GLU A 16 -6.10 -3.33 5.40
CA GLU A 16 -7.02 -2.47 6.14
C GLU A 16 -8.37 -2.38 5.44
N ILE A 17 -8.34 -2.45 4.11
CA ILE A 17 -9.57 -2.38 3.32
C ILE A 17 -10.29 -3.72 3.31
N ALA A 18 -9.52 -4.79 3.44
CA ALA A 18 -10.09 -6.14 3.44
C ALA A 18 -9.85 -6.84 4.77
N GLY A 19 -8.79 -6.42 5.46
CA GLY A 19 -8.46 -7.02 6.75
C GLY A 19 -7.44 -8.13 6.64
N ARG A 1 11.13 8.17 -5.17
CA ARG A 1 9.90 8.16 -4.39
C ARG A 1 8.75 7.53 -5.19
N MET A 2 9.01 7.23 -6.45
CA MET A 2 8.01 6.63 -7.32
C MET A 2 7.76 5.18 -6.95
N LEU A 3 8.60 4.66 -6.06
CA LEU A 3 8.48 3.28 -5.61
C LEU A 3 7.83 3.20 -4.22
N LEU A 4 7.86 4.31 -3.51
CA LEU A 4 7.28 4.38 -2.17
C LEU A 4 5.84 4.89 -2.22
N THR A 5 5.52 5.63 -3.29
CA THR A 5 4.19 6.17 -3.46
C THR A 5 3.18 5.06 -3.72
N PRO A 6 3.41 4.28 -4.78
CA PRO A 6 2.53 3.16 -5.16
C PRO A 6 2.60 2.01 -4.16
N LEU A 7 3.70 1.92 -3.44
CA LEU A 7 3.89 0.86 -2.46
C LEU A 7 3.26 1.24 -1.12
N ALA A 8 3.12 2.53 -0.89
CA ALA A 8 2.52 3.03 0.35
C ALA A 8 1.02 2.82 0.35
N LYS A 9 0.45 2.60 -0.83
CA LYS A 9 -0.99 2.38 -0.96
C LYS A 9 -1.32 0.89 -0.91
N ILE A 10 -0.28 0.07 -0.81
CA ILE A 10 -0.47 -1.38 -0.75
C ILE A 10 0.26 -1.98 0.45
N ILE A 11 0.95 -1.13 1.20
CA ILE A 11 1.69 -1.57 2.37
C ILE A 11 0.75 -1.77 3.57
N ALA A 12 -0.36 -1.03 3.57
CA ALA A 12 -1.34 -1.13 4.65
C ALA A 12 -2.64 -0.43 4.27
N HIS A 13 -2.93 -0.39 2.98
CA HIS A 13 -4.15 0.25 2.49
C HIS A 13 -5.10 -0.78 1.88
N ILE A 14 -4.60 -2.00 1.70
CA ILE A 14 -5.40 -3.07 1.12
C ILE A 14 -5.31 -4.34 1.97
N ARG A 15 -4.62 -4.24 3.09
CA ARG A 15 -4.46 -5.39 3.99
C ARG A 15 -5.31 -5.23 5.24
N GLU A 16 -5.74 -4.00 5.50
CA GLU A 16 -6.57 -3.71 6.67
C GLU A 16 -7.98 -3.31 6.25
N ILE A 17 -8.09 -2.71 5.07
CA ILE A 17 -9.39 -2.28 4.55
C ILE A 17 -10.22 -3.47 4.08
N ALA A 18 -9.54 -4.52 3.63
CA ALA A 18 -10.21 -5.72 3.16
C ALA A 18 -9.86 -6.93 4.03
N GLY A 19 -8.75 -6.83 4.74
CA GLY A 19 -8.31 -7.92 5.60
C GLY A 19 -9.34 -8.26 6.67
N ARG A 1 12.79 3.86 -6.87
CA ARG A 1 12.11 4.14 -5.62
C ARG A 1 10.75 4.77 -5.87
N MET A 2 10.44 5.04 -7.14
CA MET A 2 9.17 5.64 -7.52
C MET A 2 8.07 4.57 -7.58
N LEU A 3 8.44 3.33 -7.31
CA LEU A 3 7.49 2.22 -7.33
C LEU A 3 7.14 1.77 -5.92
N LEU A 4 8.06 1.99 -4.99
CA LEU A 4 7.84 1.61 -3.60
C LEU A 4 7.21 2.76 -2.81
N THR A 5 7.38 3.98 -3.31
CA THR A 5 6.83 5.15 -2.66
C THR A 5 5.31 5.16 -2.74
N PRO A 6 4.78 5.13 -3.97
CA PRO A 6 3.33 5.13 -4.22
C PRO A 6 2.68 3.83 -3.79
N LEU A 7 3.46 2.75 -3.78
CA LEU A 7 2.94 1.44 -3.39
C LEU A 7 3.05 1.23 -1.89
N ALA A 8 3.94 1.99 -1.26
CA ALA A 8 4.13 1.90 0.18
C ALA A 8 2.80 2.02 0.93
N LYS A 9 1.87 2.76 0.35
CA LYS A 9 0.55 2.95 0.95
C LYS A 9 -0.31 1.71 0.77
N ILE A 10 -0.55 1.34 -0.49
CA ILE A 10 -1.37 0.18 -0.79
C ILE A 10 -0.86 -1.06 -0.06
N ILE A 11 0.43 -1.06 0.27
CA ILE A 11 1.03 -2.18 0.98
C ILE A 11 0.25 -2.52 2.24
N ALA A 12 -0.44 -1.52 2.78
CA ALA A 12 -1.24 -1.72 4.00
C ALA A 12 -2.72 -1.48 3.71
N HIS A 13 -3.00 -0.65 2.72
CA HIS A 13 -4.39 -0.35 2.36
C HIS A 13 -5.18 -1.63 2.09
N ILE A 14 -4.52 -2.60 1.48
CA ILE A 14 -5.15 -3.87 1.16
C ILE A 14 -5.36 -4.71 2.42
N ARG A 15 -4.42 -4.61 3.36
CA ARG A 15 -4.50 -5.35 4.60
C ARG A 15 -5.50 -4.71 5.55
N GLU A 16 -5.84 -3.46 5.29
CA GLU A 16 -6.80 -2.73 6.12
C GLU A 16 -8.20 -2.76 5.51
N ILE A 17 -8.25 -2.67 4.18
CA ILE A 17 -9.52 -2.69 3.47
C ILE A 17 -10.12 -4.09 3.43
N ALA A 18 -9.26 -5.09 3.44
CA ALA A 18 -9.68 -6.48 3.41
C ALA A 18 -9.45 -7.16 4.75
N GLY A 19 -8.64 -6.53 5.60
CA GLY A 19 -8.34 -7.08 6.90
C GLY A 19 -9.58 -7.47 7.67
N ARG A 1 11.96 2.55 -8.78
CA ARG A 1 10.99 3.03 -7.81
C ARG A 1 9.58 2.60 -8.20
N MET A 2 9.46 1.97 -9.37
CA MET A 2 8.17 1.50 -9.85
C MET A 2 7.64 0.37 -8.98
N LEU A 3 8.49 -0.18 -8.14
CA LEU A 3 8.11 -1.26 -7.25
C LEU A 3 7.89 -0.75 -5.83
N LEU A 4 8.26 0.50 -5.60
CA LEU A 4 8.09 1.11 -4.28
C LEU A 4 6.90 2.06 -4.26
N THR A 5 6.54 2.57 -5.44
CA THR A 5 5.42 3.49 -5.56
C THR A 5 4.09 2.78 -5.29
N PRO A 6 3.82 1.72 -6.06
CA PRO A 6 2.58 0.94 -5.92
C PRO A 6 2.56 0.12 -4.63
N LEU A 7 3.74 -0.19 -4.10
CA LEU A 7 3.85 -0.96 -2.88
C LEU A 7 3.68 -0.06 -1.65
N ALA A 8 4.05 1.20 -1.79
CA ALA A 8 3.93 2.16 -0.71
C ALA A 8 2.49 2.63 -0.53
N LYS A 9 1.59 1.68 -0.29
CA LYS A 9 0.18 1.99 -0.11
C LYS A 9 -0.62 0.73 0.19
N ILE A 10 -0.42 -0.30 -0.62
CA ILE A 10 -1.13 -1.57 -0.45
C ILE A 10 -0.74 -2.23 0.87
N ILE A 11 0.34 -1.73 1.48
CA ILE A 11 0.81 -2.28 2.76
C ILE A 11 -0.27 -2.19 3.82
N ALA A 12 -1.27 -1.33 3.60
CA ALA A 12 -2.36 -1.16 4.54
C ALA A 12 -3.64 -0.76 3.82
N HIS A 13 -3.50 0.08 2.79
CA HIS A 13 -4.65 0.54 2.03
C HIS A 13 -5.55 -0.63 1.63
N ILE A 14 -4.93 -1.76 1.31
CA ILE A 14 -5.67 -2.95 0.92
C ILE A 14 -5.46 -4.09 1.92
N ARG A 15 -4.60 -3.85 2.89
CA ARG A 15 -4.31 -4.85 3.91
C ARG A 15 -5.08 -4.58 5.19
N GLU A 16 -5.75 -3.43 5.23
CA GLU A 16 -6.54 -3.06 6.40
C GLU A 16 -8.03 -3.04 6.08
N ILE A 17 -8.37 -2.51 4.91
CA ILE A 17 -9.76 -2.44 4.47
C ILE A 17 -10.31 -3.82 4.16
N ALA A 18 -9.43 -4.72 3.72
CA ALA A 18 -9.84 -6.08 3.39
C ALA A 18 -8.74 -7.07 3.74
N GLY A 19 -7.77 -6.63 4.54
CA GLY A 19 -6.66 -7.49 4.93
C GLY A 19 -6.65 -7.76 6.42
N ARG A 1 11.71 8.46 -5.09
CA ARG A 1 10.75 8.24 -4.03
C ARG A 1 9.33 8.12 -4.59
N MET A 2 9.19 8.35 -5.89
CA MET A 2 7.90 8.26 -6.55
C MET A 2 7.44 6.81 -6.63
N LEU A 3 8.33 5.88 -6.31
CA LEU A 3 8.01 4.45 -6.35
C LEU A 3 7.77 3.92 -4.94
N LEU A 4 8.20 4.69 -3.94
CA LEU A 4 8.03 4.29 -2.55
C LEU A 4 6.75 4.89 -1.96
N THR A 5 6.33 6.03 -2.52
CA THR A 5 5.13 6.71 -2.04
C THR A 5 3.88 5.88 -2.34
N PRO A 6 3.67 5.56 -3.62
CA PRO A 6 2.51 4.77 -4.06
C PRO A 6 2.61 3.32 -3.61
N LEU A 7 3.83 2.86 -3.34
CA LEU A 7 4.05 1.49 -2.91
C LEU A 7 3.88 1.37 -1.40
N ALA A 8 4.03 2.49 -0.70
CA ALA A 8 3.88 2.50 0.75
C ALA A 8 2.41 2.61 1.17
N LYS A 9 1.52 2.58 0.18
CA LYS A 9 0.10 2.67 0.44
C LYS A 9 -0.59 1.33 0.19
N ILE A 10 -0.13 0.62 -0.85
CA ILE A 10 -0.70 -0.68 -1.18
C ILE A 10 -0.38 -1.71 -0.11
N ILE A 11 0.74 -1.52 0.58
CA ILE A 11 1.15 -2.44 1.64
C ILE A 11 0.53 -2.05 2.98
N ALA A 12 -0.75 -1.70 2.95
CA ALA A 12 -1.46 -1.30 4.17
C ALA A 12 -2.91 -0.94 3.87
N HIS A 13 -3.14 -0.38 2.68
CA HIS A 13 -4.47 0.02 2.27
C HIS A 13 -5.32 -1.20 1.90
N ILE A 14 -4.66 -2.34 1.78
CA ILE A 14 -5.34 -3.59 1.42
C ILE A 14 -5.41 -4.53 2.62
N ARG A 15 -4.62 -4.23 3.65
CA ARG A 15 -4.60 -5.06 4.85
C ARG A 15 -5.54 -4.49 5.92
N GLU A 16 -6.23 -3.41 5.57
CA GLU A 16 -7.15 -2.76 6.50
C GLU A 16 -8.56 -2.73 5.92
N ILE A 17 -8.66 -2.46 4.62
CA ILE A 17 -9.95 -2.39 3.94
C ILE A 17 -10.56 -3.78 3.79
N ALA A 18 -9.70 -4.79 3.66
CA ALA A 18 -10.15 -6.17 3.50
C ALA A 18 -9.10 -7.15 4.03
N GLY A 19 -8.20 -6.65 4.87
CA GLY A 19 -7.17 -7.50 5.44
C GLY A 19 -7.71 -8.49 6.44
N ARG A 1 9.50 4.47 -10.47
CA ARG A 1 8.89 4.82 -9.20
C ARG A 1 7.37 4.61 -9.25
N MET A 2 6.90 4.10 -10.37
CA MET A 2 5.46 3.85 -10.55
C MET A 2 5.09 2.48 -9.99
N LEU A 3 6.07 1.75 -9.48
CA LEU A 3 5.85 0.43 -8.92
C LEU A 3 5.93 0.45 -7.40
N LEU A 4 6.58 1.49 -6.87
CA LEU A 4 6.73 1.64 -5.43
C LEU A 4 5.72 2.64 -4.88
N THR A 5 5.20 3.49 -5.74
CA THR A 5 4.23 4.49 -5.35
C THR A 5 2.89 3.85 -5.00
N PRO A 6 2.32 3.11 -5.96
CA PRO A 6 1.04 2.42 -5.77
C PRO A 6 1.14 1.25 -4.79
N LEU A 7 2.33 0.68 -4.69
CA LEU A 7 2.57 -0.45 -3.78
C LEU A 7 2.76 0.04 -2.35
N ALA A 8 3.20 1.29 -2.22
CA ALA A 8 3.43 1.87 -0.90
C ALA A 8 2.12 2.36 -0.28
N LYS A 9 1.02 2.19 -1.01
CA LYS A 9 -0.29 2.61 -0.54
C LYS A 9 -1.21 1.42 -0.34
N ILE A 10 -0.68 0.22 -0.60
CA ILE A 10 -1.46 -1.00 -0.44
C ILE A 10 -0.82 -1.94 0.56
N ILE A 11 0.41 -1.63 0.96
CA ILE A 11 1.13 -2.45 1.93
C ILE A 11 0.42 -2.47 3.27
N ALA A 12 -0.51 -1.55 3.46
CA ALA A 12 -1.27 -1.47 4.71
C ALA A 12 -2.74 -1.20 4.43
N HIS A 13 -3.01 -0.31 3.49
CA HIS A 13 -4.39 0.04 3.13
C HIS A 13 -5.15 -1.18 2.64
N ILE A 14 -4.49 -1.99 1.80
CA ILE A 14 -5.10 -3.19 1.26
C ILE A 14 -5.30 -4.24 2.34
N ARG A 15 -4.48 -4.18 3.39
CA ARG A 15 -4.58 -5.13 4.49
C ARG A 15 -5.56 -4.63 5.54
N GLU A 16 -6.00 -3.39 5.40
CA GLU A 16 -6.95 -2.81 6.34
C GLU A 16 -8.35 -2.73 5.73
N ILE A 17 -8.41 -2.42 4.45
CA ILE A 17 -9.68 -2.32 3.73
C ILE A 17 -10.24 -3.70 3.42
N ALA A 18 -9.34 -4.66 3.23
CA ALA A 18 -9.74 -6.03 2.92
C ALA A 18 -9.36 -6.99 4.05
N GLY A 19 -8.39 -6.58 4.85
CA GLY A 19 -7.95 -7.41 5.96
C GLY A 19 -6.67 -8.16 5.65
N ARG A 1 14.01 4.58 -4.40
CA ARG A 1 12.82 4.80 -3.61
C ARG A 1 11.58 4.83 -4.50
N MET A 2 11.79 4.79 -5.81
CA MET A 2 10.69 4.81 -6.76
C MET A 2 9.78 3.61 -6.58
N LEU A 3 10.30 2.59 -5.89
CA LEU A 3 9.53 1.37 -5.64
C LEU A 3 8.98 1.36 -4.22
N LEU A 4 9.28 2.42 -3.46
CA LEU A 4 8.82 2.53 -2.08
C LEU A 4 7.77 3.63 -1.95
N THR A 5 7.82 4.60 -2.85
CA THR A 5 6.87 5.70 -2.84
C THR A 5 5.47 5.23 -3.21
N PRO A 6 5.34 4.67 -4.42
CA PRO A 6 4.05 4.16 -4.92
C PRO A 6 3.59 2.92 -4.17
N LEU A 7 4.54 2.22 -3.54
CA LEU A 7 4.23 1.01 -2.79
C LEU A 7 3.82 1.35 -1.36
N ALA A 8 4.22 2.52 -0.90
CA ALA A 8 3.91 2.97 0.45
C ALA A 8 2.46 3.44 0.54
N LYS A 9 1.52 2.56 0.20
CA LYS A 9 0.11 2.89 0.24
C LYS A 9 -0.74 1.63 0.14
N ILE A 10 -0.43 0.78 -0.83
CA ILE A 10 -1.17 -0.46 -1.04
C ILE A 10 -0.57 -1.60 -0.22
N ILE A 11 0.51 -1.29 0.50
CA ILE A 11 1.17 -2.29 1.32
C ILE A 11 0.62 -2.28 2.74
N ALA A 12 -0.53 -1.64 2.93
CA ALA A 12 -1.17 -1.56 4.23
C ALA A 12 -2.68 -1.36 4.10
N HIS A 13 -3.07 -0.45 3.22
CA HIS A 13 -4.48 -0.16 3.01
C HIS A 13 -5.23 -1.42 2.55
N ILE A 14 -4.55 -2.24 1.76
CA ILE A 14 -5.15 -3.48 1.26
C ILE A 14 -5.35 -4.49 2.39
N ARG A 15 -4.52 -4.37 3.43
CA ARG A 15 -4.59 -5.27 4.57
C ARG A 15 -5.60 -4.76 5.59
N GLU A 16 -6.05 -3.53 5.42
CA GLU A 16 -7.02 -2.92 6.32
C GLU A 16 -8.40 -2.89 5.71
N ILE A 17 -8.46 -2.61 4.40
CA ILE A 17 -9.74 -2.55 3.70
C ILE A 17 -10.29 -3.95 3.43
N ALA A 18 -9.39 -4.92 3.30
CA ALA A 18 -9.78 -6.30 3.05
C ALA A 18 -9.38 -7.20 4.21
N GLY A 19 -8.41 -6.74 4.99
CA GLY A 19 -7.95 -7.53 6.13
C GLY A 19 -8.34 -6.91 7.46
N ARG A 1 12.18 8.81 -2.12
CA ARG A 1 10.85 8.35 -2.49
C ARG A 1 10.76 6.82 -2.45
N MET A 2 11.89 6.19 -2.18
CA MET A 2 11.96 4.73 -2.11
C MET A 2 11.18 4.22 -0.90
N LEU A 3 10.84 5.13 0.00
CA LEU A 3 10.10 4.77 1.21
C LEU A 3 8.63 5.17 1.10
N LEU A 4 8.30 5.88 0.02
CA LEU A 4 6.93 6.33 -0.21
C LEU A 4 6.30 5.54 -1.36
N THR A 5 7.13 4.95 -2.20
CA THR A 5 6.66 4.17 -3.33
C THR A 5 6.06 2.83 -2.87
N PRO A 6 6.88 2.03 -2.19
CA PRO A 6 6.46 0.72 -1.68
C PRO A 6 5.47 0.84 -0.54
N LEU A 7 5.48 1.98 0.15
CA LEU A 7 4.56 2.22 1.26
C LEU A 7 3.48 3.21 0.88
N ALA A 8 3.45 3.58 -0.41
CA ALA A 8 2.46 4.52 -0.90
C ALA A 8 1.06 4.16 -0.41
N LYS A 9 0.66 2.91 -0.63
CA LYS A 9 -0.65 2.44 -0.21
C LYS A 9 -0.85 0.98 -0.58
N ILE A 10 0.22 0.19 -0.50
CA ILE A 10 0.16 -1.22 -0.82
C ILE A 10 0.67 -2.07 0.33
N ILE A 11 0.69 -1.49 1.52
CA ILE A 11 1.16 -2.19 2.72
C ILE A 11 0.23 -1.94 3.90
N ALA A 12 -0.88 -1.25 3.64
CA ALA A 12 -1.85 -0.95 4.68
C ALA A 12 -3.04 -0.18 4.11
N HIS A 13 -3.37 -0.47 2.86
CA HIS A 13 -4.50 0.20 2.20
C HIS A 13 -5.53 -0.84 1.70
N ILE A 14 -5.04 -2.01 1.32
CA ILE A 14 -5.90 -3.07 0.83
C ILE A 14 -5.81 -4.31 1.72
N ARG A 15 -4.82 -4.32 2.59
CA ARG A 15 -4.62 -5.46 3.50
C ARG A 15 -5.31 -5.20 4.85
N GLU A 16 -5.61 -3.93 5.11
CA GLU A 16 -6.27 -3.56 6.37
C GLU A 16 -7.75 -3.25 6.12
N ILE A 17 -8.05 -2.69 4.96
CA ILE A 17 -9.42 -2.35 4.61
C ILE A 17 -10.23 -3.61 4.28
N ALA A 18 -9.55 -4.63 3.76
CA ALA A 18 -10.20 -5.88 3.41
C ALA A 18 -9.66 -7.04 4.26
N GLY A 19 -8.49 -6.83 4.85
CA GLY A 19 -7.89 -7.87 5.67
C GLY A 19 -7.60 -7.39 7.08
N ARG A 1 10.22 6.29 -9.28
CA ARG A 1 9.72 6.02 -7.94
C ARG A 1 8.25 6.38 -7.82
N MET A 2 7.69 6.93 -8.88
CA MET A 2 6.29 7.33 -8.90
C MET A 2 5.38 6.11 -8.78
N LEU A 3 5.95 4.93 -9.00
CA LEU A 3 5.19 3.69 -8.91
C LEU A 3 5.48 2.97 -7.59
N LEU A 4 6.41 3.52 -6.81
CA LEU A 4 6.77 2.93 -5.53
C LEU A 4 6.25 3.79 -4.38
N THR A 5 6.03 5.07 -4.65
CA THR A 5 5.54 6.00 -3.63
C THR A 5 4.09 5.68 -3.27
N PRO A 6 3.21 5.71 -4.27
CA PRO A 6 1.78 5.43 -4.09
C PRO A 6 1.51 3.97 -3.75
N LEU A 7 2.42 3.10 -4.19
CA LEU A 7 2.28 1.67 -3.94
C LEU A 7 2.85 1.29 -2.57
N ALA A 8 3.74 2.13 -2.06
CA ALA A 8 4.36 1.90 -0.75
C ALA A 8 3.32 1.87 0.35
N LYS A 9 2.16 2.47 0.08
CA LYS A 9 1.08 2.52 1.06
C LYS A 9 -0.02 1.53 0.70
N ILE A 10 -0.17 1.25 -0.59
CA ILE A 10 -1.18 0.32 -1.06
C ILE A 10 -1.08 -1.01 -0.32
N ILE A 11 0.11 -1.33 0.15
CA ILE A 11 0.35 -2.58 0.87
C ILE A 11 -0.39 -2.57 2.22
N ALA A 12 -0.45 -1.41 2.85
CA ALA A 12 -1.13 -1.27 4.13
C ALA A 12 -2.64 -1.21 3.95
N HIS A 13 -3.08 -0.40 2.99
CA HIS A 13 -4.51 -0.25 2.73
C HIS A 13 -5.15 -1.60 2.43
N ILE A 14 -4.47 -2.41 1.63
CA ILE A 14 -4.98 -3.74 1.28
C ILE A 14 -5.22 -4.58 2.52
N ARG A 15 -4.50 -4.29 3.59
CA ARG A 15 -4.64 -5.02 4.84
C ARG A 15 -5.70 -4.37 5.74
N GLU A 16 -6.13 -3.18 5.35
CA GLU A 16 -7.14 -2.45 6.11
C GLU A 16 -8.52 -2.60 5.47
N ILE A 17 -8.54 -2.75 4.16
CA ILE A 17 -9.79 -2.90 3.42
C ILE A 17 -10.20 -4.37 3.33
N ALA A 18 -9.21 -5.25 3.28
CA ALA A 18 -9.46 -6.68 3.18
C ALA A 18 -9.46 -7.32 4.57
N GLY A 19 -8.82 -6.67 5.52
CA GLY A 19 -8.77 -7.19 6.88
C GLY A 19 -7.47 -7.94 7.15
N ARG A 1 9.51 4.56 -10.46
CA ARG A 1 9.29 5.16 -9.16
C ARG A 1 7.82 5.51 -8.96
N MET A 2 7.07 5.52 -10.05
CA MET A 2 5.65 5.84 -9.99
C MET A 2 4.83 4.59 -9.65
N LEU A 3 5.52 3.50 -9.36
CA LEU A 3 4.86 2.24 -9.02
C LEU A 3 5.15 1.86 -7.57
N LEU A 4 6.02 2.62 -6.92
CA LEU A 4 6.37 2.37 -5.53
C LEU A 4 5.82 3.46 -4.61
N THR A 5 5.58 4.64 -5.18
CA THR A 5 5.05 5.75 -4.42
C THR A 5 3.62 5.49 -3.98
N PRO A 6 2.72 5.28 -4.96
CA PRO A 6 1.31 5.00 -4.70
C PRO A 6 1.08 3.64 -4.06
N LEU A 7 2.01 2.71 -4.32
CA LEU A 7 1.92 1.37 -3.76
C LEU A 7 2.55 1.29 -2.38
N ALA A 8 3.40 2.28 -2.07
CA ALA A 8 4.07 2.33 -0.78
C ALA A 8 3.06 2.22 0.37
N LYS A 9 1.84 2.69 0.12
CA LYS A 9 0.79 2.65 1.12
C LYS A 9 -0.24 1.58 0.79
N ILE A 10 -0.45 1.33 -0.49
CA ILE A 10 -1.40 0.32 -0.94
C ILE A 10 -1.14 -1.02 -0.26
N ILE A 11 0.11 -1.24 0.14
CA ILE A 11 0.49 -2.48 0.80
C ILE A 11 -0.19 -2.61 2.15
N ALA A 12 -0.35 -1.48 2.84
CA ALA A 12 -0.99 -1.47 4.15
C ALA A 12 -2.50 -1.29 4.02
N HIS A 13 -2.93 -0.63 2.96
CA HIS A 13 -4.35 -0.39 2.71
C HIS A 13 -5.07 -1.70 2.39
N ILE A 14 -4.38 -2.58 1.68
CA ILE A 14 -4.96 -3.87 1.30
C ILE A 14 -5.23 -4.73 2.53
N ARG A 15 -4.45 -4.49 3.59
CA ARG A 15 -4.61 -5.24 4.83
C ARG A 15 -5.66 -4.61 5.73
N GLU A 16 -6.10 -3.41 5.36
CA GLU A 16 -7.11 -2.70 6.13
C GLU A 16 -8.48 -2.78 5.45
N ILE A 17 -8.48 -2.68 4.12
CA ILE A 17 -9.72 -2.74 3.36
C ILE A 17 -10.23 -4.17 3.26
N ALA A 18 -9.31 -5.13 3.26
CA ALA A 18 -9.67 -6.54 3.17
C ALA A 18 -9.33 -7.27 4.47
N GLY A 19 -8.42 -6.70 5.25
CA GLY A 19 -8.03 -7.31 6.50
C GLY A 19 -8.55 -6.56 7.71
N ARG A 1 13.49 4.21 -5.94
CA ARG A 1 12.05 4.21 -6.12
C ARG A 1 11.46 2.84 -5.79
N MET A 2 12.33 1.88 -5.49
CA MET A 2 11.90 0.54 -5.14
C MET A 2 11.38 0.48 -3.71
N LEU A 3 11.49 1.60 -3.00
CA LEU A 3 11.03 1.68 -1.62
C LEU A 3 9.76 2.51 -1.52
N LEU A 4 9.42 3.21 -2.60
CA LEU A 4 8.22 4.04 -2.62
C LEU A 4 7.13 3.40 -3.48
N THR A 5 7.54 2.48 -4.35
CA THR A 5 6.59 1.80 -5.23
C THR A 5 5.76 0.78 -4.45
N PRO A 6 6.45 -0.18 -3.80
CA PRO A 6 5.79 -1.22 -3.01
C PRO A 6 5.16 -0.68 -1.74
N LEU A 7 5.67 0.45 -1.27
CA LEU A 7 5.15 1.08 -0.06
C LEU A 7 4.34 2.33 -0.40
N ALA A 8 4.13 2.56 -1.69
CA ALA A 8 3.36 3.72 -2.14
C ALA A 8 2.05 3.84 -1.37
N LYS A 9 1.29 2.76 -1.32
CA LYS A 9 0.02 2.74 -0.61
C LYS A 9 -0.65 1.38 -0.72
N ILE A 10 0.16 0.32 -0.75
CA ILE A 10 -0.36 -1.03 -0.84
C ILE A 10 0.24 -1.92 0.25
N ILE A 11 0.60 -1.31 1.37
CA ILE A 11 1.17 -2.04 2.49
C ILE A 11 0.24 -2.00 3.71
N ALA A 12 -0.99 -1.58 3.49
CA ALA A 12 -1.97 -1.49 4.57
C ALA A 12 -3.32 -1.01 4.05
N HIS A 13 -3.29 -0.14 3.04
CA HIS A 13 -4.50 0.41 2.46
C HIS A 13 -5.37 -0.71 1.87
N ILE A 14 -4.75 -1.86 1.64
CA ILE A 14 -5.46 -3.01 1.09
C ILE A 14 -5.29 -4.25 1.96
N ARG A 15 -4.61 -4.07 3.09
CA ARG A 15 -4.36 -5.16 4.02
C ARG A 15 -5.24 -5.04 5.26
N GLU A 16 -5.78 -3.84 5.48
CA GLU A 16 -6.63 -3.58 6.63
C GLU A 16 -8.06 -3.32 6.20
N ILE A 17 -8.22 -2.77 4.99
CA ILE A 17 -9.54 -2.46 4.46
C ILE A 17 -10.27 -3.73 4.01
N ALA A 18 -9.49 -4.72 3.60
CA ALA A 18 -10.05 -5.99 3.15
C ALA A 18 -9.61 -7.14 4.04
N GLY A 19 -8.51 -6.93 4.77
CA GLY A 19 -8.00 -7.95 5.66
C GLY A 19 -8.52 -7.81 7.08
N ARG A 1 7.91 6.12 -10.97
CA ARG A 1 6.61 5.91 -10.33
C ARG A 1 6.39 4.43 -10.02
N MET A 2 7.27 3.58 -10.55
CA MET A 2 7.17 2.14 -10.33
C MET A 2 7.26 1.81 -8.85
N LEU A 3 7.76 2.76 -8.06
CA LEU A 3 7.90 2.57 -6.62
C LEU A 3 6.80 3.31 -5.87
N LEU A 4 5.92 3.96 -6.61
CA LEU A 4 4.81 4.71 -6.01
C LEU A 4 3.48 4.05 -6.35
N THR A 5 3.46 3.26 -7.41
CA THR A 5 2.24 2.57 -7.83
C THR A 5 1.92 1.41 -6.90
N PRO A 6 2.84 0.44 -6.81
CA PRO A 6 2.67 -0.74 -5.96
C PRO A 6 2.78 -0.40 -4.48
N LEU A 7 3.34 0.76 -4.17
CA LEU A 7 3.49 1.20 -2.80
C LEU A 7 2.62 2.42 -2.52
N ALA A 8 1.76 2.76 -3.48
CA ALA A 8 0.87 3.90 -3.33
C ALA A 8 0.17 3.88 -1.99
N LYS A 9 -0.70 2.89 -1.78
CA LYS A 9 -1.43 2.75 -0.53
C LYS A 9 -1.93 1.33 -0.35
N ILE A 10 -1.14 0.37 -0.79
CA ILE A 10 -1.51 -1.04 -0.67
C ILE A 10 -0.44 -1.81 0.10
N ILE A 11 0.58 -1.11 0.58
CA ILE A 11 1.65 -1.73 1.35
C ILE A 11 1.14 -2.28 2.68
N ALA A 12 0.20 -1.55 3.28
CA ALA A 12 -0.37 -1.96 4.56
C ALA A 12 -1.88 -1.75 4.57
N HIS A 13 -2.32 -0.65 3.98
CA HIS A 13 -3.75 -0.33 3.93
C HIS A 13 -4.53 -1.45 3.26
N ILE A 14 -3.90 -2.10 2.28
CA ILE A 14 -4.53 -3.20 1.56
C ILE A 14 -4.97 -4.31 2.52
N ARG A 15 -4.28 -4.41 3.64
CA ARG A 15 -4.59 -5.43 4.64
C ARG A 15 -5.61 -4.91 5.64
N GLU A 16 -5.88 -3.61 5.59
CA GLU A 16 -6.83 -2.99 6.50
C GLU A 16 -8.18 -2.78 5.80
N ILE A 17 -8.14 -2.56 4.50
CA ILE A 17 -9.35 -2.34 3.71
C ILE A 17 -9.92 -3.66 3.21
N ALA A 18 -9.04 -4.61 2.94
CA ALA A 18 -9.46 -5.92 2.45
C ALA A 18 -9.64 -6.91 3.61
N GLY A 19 -9.00 -6.63 4.73
CA GLY A 19 -9.10 -7.50 5.88
C GLY A 19 -10.22 -7.08 6.82
#